data_3QB4
#
_entry.id   3QB4
#
_cell.length_a   63.810
_cell.length_b   62.850
_cell.length_c   124.991
_cell.angle_alpha   90.00
_cell.angle_beta   95.85
_cell.angle_gamma   90.00
#
_symmetry.space_group_name_H-M   'I 1 2 1'
#
loop_
_entity.id
_entity.type
_entity.pdbx_description
1 polymer 'Growth/differentiation factor 5'
2 polymer 'Bone morphogenetic protein receptor type-1A'
3 water water
#
loop_
_entity_poly.entity_id
_entity_poly.type
_entity_poly.pdbx_seq_one_letter_code
_entity_poly.pdbx_strand_id
1 'polypeptide(L)'
;MKRQGKRPSKNLKARCSRKALHVNFKDMGWDDWIIAPLEYEAFHCEGLCEFPLASHLEPTNHAVIQTLMNSMDPESTPPT
CCVPTRLSPISILFIDSANNVVYKQYEDMVVESCGCR
;
A,C
2 'polypeptide(L)'
;GSGAMAQNLDSMLHGTGMKSDSDQKKSENGVTLAPEDTLPFLKCYCSGHCPDDAINNTCITNGHCFAIIEEDDQGETTLA
SGCMKYEGSDFQCKDSPKAQLRRTIECCRTNLCNQYLQPTLPPVVIGPFFDGSIR
;
B,D
#
# COMPACT_ATOMS: atom_id res chain seq x y z
N LYS A 13 8.57 19.44 -0.29
CA LYS A 13 8.09 18.07 0.13
C LYS A 13 6.76 17.67 -0.51
N ALA A 14 6.84 16.82 -1.54
CA ALA A 14 5.64 16.29 -2.19
C ALA A 14 5.09 15.04 -1.49
N ARG A 15 3.96 15.23 -0.83
CA ARG A 15 3.37 14.23 0.05
C ARG A 15 2.37 13.36 -0.69
N CYS A 16 2.16 12.18 -0.14
CA CYS A 16 1.28 11.18 -0.69
C CYS A 16 -0.04 11.69 -1.23
N SER A 17 -0.26 11.55 -2.53
CA SER A 17 -1.50 11.99 -3.16
C SER A 17 -1.79 11.32 -4.49
N ARG A 18 -3.00 11.56 -4.99
CA ARG A 18 -3.46 10.99 -6.24
C ARG A 18 -2.82 11.73 -7.41
N LYS A 19 -2.14 11.01 -8.30
CA LYS A 19 -1.67 11.60 -9.55
C LYS A 19 -2.31 10.95 -10.76
N ALA A 20 -2.35 11.70 -11.87
CA ALA A 20 -2.97 11.21 -13.08
C ALA A 20 -2.16 10.03 -13.68
N LEU A 21 -2.87 9.02 -14.19
CA LEU A 21 -2.29 7.90 -14.92
C LEU A 21 -3.32 7.48 -15.97
N HIS A 22 -3.00 7.73 -17.24
CA HIS A 22 -3.90 7.45 -18.37
C HIS A 22 -3.62 6.06 -18.97
N VAL A 23 -4.62 5.18 -18.97
CA VAL A 23 -4.50 3.85 -19.56
C VAL A 23 -5.08 3.93 -20.96
N ASN A 24 -4.32 3.51 -21.97
CA ASN A 24 -4.80 3.48 -23.34
C ASN A 24 -4.58 2.08 -23.90
N PHE A 25 -5.66 1.42 -24.28
CA PHE A 25 -5.56 -0.01 -24.48
C PHE A 25 -4.71 -0.34 -25.69
N LYS A 26 -4.67 0.57 -26.65
CA LYS A 26 -3.79 0.45 -27.83
C LYS A 26 -2.29 0.44 -27.51
N ASP A 27 -1.83 1.38 -26.67
CA ASP A 27 -0.45 1.42 -26.20
C ASP A 27 -0.08 0.13 -25.47
N MET A 28 -1.06 -0.46 -24.80
CA MET A 28 -0.86 -1.72 -24.08
C MET A 28 -0.81 -2.92 -25.00
N GLY A 29 -1.09 -2.70 -26.28
CA GLY A 29 -1.21 -3.80 -27.24
C GLY A 29 -2.46 -4.64 -27.01
N TRP A 30 -3.54 -4.00 -26.57
CA TRP A 30 -4.76 -4.71 -26.25
C TRP A 30 -5.94 -4.37 -27.14
N ASP A 31 -5.68 -3.62 -28.22
CA ASP A 31 -6.72 -3.16 -29.16
C ASP A 31 -7.26 -4.27 -30.05
N ASP A 32 -6.46 -5.30 -30.26
CA ASP A 32 -6.91 -6.56 -30.84
C ASP A 32 -8.11 -7.18 -30.13
N TRP A 33 -8.23 -7.01 -28.80
CA TRP A 33 -9.27 -7.76 -28.06
C TRP A 33 -10.24 -6.93 -27.20
N ILE A 34 -9.90 -5.68 -26.92
CA ILE A 34 -10.81 -4.84 -26.16
C ILE A 34 -11.55 -3.93 -27.11
N ILE A 35 -12.86 -4.04 -27.10
CA ILE A 35 -13.68 -3.24 -27.98
C ILE A 35 -13.94 -1.85 -27.40
N ALA A 36 -14.32 -1.81 -26.14
CA ALA A 36 -14.52 -0.53 -25.47
C ALA A 36 -14.26 -0.67 -23.98
N PRO A 37 -13.84 0.43 -23.33
CA PRO A 37 -13.51 1.69 -24.01
C PRO A 37 -12.15 1.55 -24.72
N LEU A 38 -11.72 2.62 -25.40
CA LEU A 38 -10.36 2.77 -25.91
C LEU A 38 -9.35 3.15 -24.82
N GLU A 39 -9.82 3.82 -23.78
CA GLU A 39 -8.91 4.45 -22.82
C GLU A 39 -9.73 4.89 -21.63
N TYR A 40 -9.10 4.91 -20.45
CA TYR A 40 -9.67 5.51 -19.23
C TYR A 40 -8.54 6.08 -18.37
N GLU A 41 -8.92 6.83 -17.33
CA GLU A 41 -8.00 7.38 -16.32
C GLU A 41 -8.03 6.52 -15.08
N ALA A 42 -6.91 5.92 -14.73
CA ALA A 42 -6.85 5.03 -13.60
C ALA A 42 -6.24 5.72 -12.37
N PHE A 43 -5.51 6.80 -12.62
CA PHE A 43 -4.77 7.47 -11.58
C PHE A 43 -3.68 6.59 -10.97
N HIS A 44 -2.79 7.19 -10.20
CA HIS A 44 -1.94 6.43 -9.30
C HIS A 44 -1.60 7.24 -8.07
N CYS A 45 -0.95 6.60 -7.11
CA CYS A 45 -0.65 7.19 -5.81
C CYS A 45 0.85 7.27 -5.62
N GLU A 46 1.37 8.44 -5.29
CA GLU A 46 2.80 8.59 -5.13
C GLU A 46 3.10 9.73 -4.13
N GLY A 47 4.19 9.60 -3.36
CA GLY A 47 4.65 10.67 -2.50
C GLY A 47 5.07 10.20 -1.12
N LEU A 48 5.69 11.09 -0.38
CA LEU A 48 6.23 10.80 0.93
C LEU A 48 5.12 10.49 1.91
N CYS A 49 5.39 9.56 2.82
CA CYS A 49 4.51 9.33 3.95
C CYS A 49 5.30 9.61 5.24
N GLU A 50 5.30 10.85 5.68
CA GLU A 50 6.17 11.27 6.76
C GLU A 50 5.35 11.63 7.98
N PHE A 51 5.95 11.54 9.16
CA PHE A 51 5.37 12.20 10.33
C PHE A 51 5.15 13.72 10.18
N PRO A 52 3.91 14.20 10.44
CA PRO A 52 2.72 13.43 10.80
C PRO A 52 1.81 13.14 9.61
N LEU A 53 0.93 12.17 9.79
CA LEU A 53 0.17 11.58 8.68
C LEU A 53 -1.20 12.24 8.86
N ALA A 54 -1.53 13.19 7.96
CA ALA A 54 -2.77 13.91 8.10
C ALA A 54 -3.98 13.06 7.69
N SER A 55 -5.16 13.59 7.98
CA SER A 55 -6.40 12.84 8.14
C SER A 55 -6.84 12.15 6.85
N HIS A 56 -6.77 12.87 5.74
CA HIS A 56 -7.09 12.28 4.43
C HIS A 56 -6.14 11.15 4.06
N LEU A 57 -5.05 10.97 4.80
CA LEU A 57 -4.20 9.83 4.48
C LEU A 57 -4.70 8.60 5.22
N GLU A 58 -5.64 8.78 6.14
CA GLU A 58 -6.33 7.68 6.83
C GLU A 58 -5.45 6.49 7.25
N PRO A 59 -4.37 6.74 7.97
CA PRO A 59 -3.50 5.62 8.32
C PRO A 59 -4.12 4.54 9.28
N THR A 60 -3.63 3.32 9.18
CA THR A 60 -3.93 2.29 10.16
C THR A 60 -3.03 2.64 11.34
N ASN A 61 -3.35 2.11 12.49
CA ASN A 61 -2.47 2.21 13.65
C ASN A 61 -1.07 1.70 13.31
N HIS A 62 -1.00 0.64 12.52
CA HIS A 62 0.30 0.10 12.13
C HIS A 62 1.09 1.11 11.33
N ALA A 63 0.45 1.76 10.37
CA ALA A 63 1.11 2.78 9.57
C ALA A 63 1.58 3.94 10.46
N VAL A 64 0.82 4.24 11.51
CA VAL A 64 1.26 5.27 12.44
C VAL A 64 2.50 4.84 13.24
N ILE A 65 2.44 3.65 13.83
CA ILE A 65 3.57 3.12 14.57
C ILE A 65 4.80 3.10 13.68
N GLN A 66 4.70 2.49 12.51
CA GLN A 66 5.89 2.26 11.66
C GLN A 66 6.49 3.60 11.21
N THR A 67 5.62 4.53 10.86
CA THR A 67 6.03 5.86 10.49
C THR A 67 6.81 6.46 11.65
N LEU A 68 6.27 6.37 12.87
CA LEU A 68 6.94 6.94 14.06
C LEU A 68 8.33 6.35 14.23
N MET A 69 8.41 5.02 14.11
CA MET A 69 9.67 4.34 14.25
C MET A 69 10.64 4.74 13.15
N ASN A 70 10.11 4.95 11.95
CA ASN A 70 10.97 5.34 10.84
C ASN A 70 11.48 6.76 11.07
N SER A 71 10.66 7.56 11.75
CA SER A 71 11.00 8.92 12.09
C SER A 71 12.13 8.92 13.12
N MET A 72 12.19 7.85 13.92
CA MET A 72 13.18 7.76 15.03
C MET A 72 14.52 7.22 14.53
N ASP A 73 14.47 6.19 13.68
CA ASP A 73 15.66 5.57 13.11
C ASP A 73 15.37 5.01 11.72
N PRO A 74 15.47 5.85 10.66
CA PRO A 74 15.19 5.48 9.27
C PRO A 74 16.13 4.43 8.70
N GLU A 75 17.26 4.20 9.36
CA GLU A 75 18.17 3.09 8.99
C GLU A 75 17.55 1.74 9.33
N SER A 76 16.72 1.75 10.36
CA SER A 76 16.26 0.52 10.98
C SER A 76 14.81 0.22 10.64
N THR A 77 14.04 1.26 10.33
CA THR A 77 12.64 1.06 9.92
C THR A 77 12.31 1.89 8.70
N PRO A 78 11.93 1.25 7.59
CA PRO A 78 11.62 2.02 6.40
C PRO A 78 10.27 2.74 6.51
N PRO A 79 10.05 3.74 5.63
CA PRO A 79 8.81 4.52 5.59
C PRO A 79 7.60 3.66 5.23
N THR A 80 6.40 4.06 5.64
CA THR A 80 5.22 3.42 5.10
C THR A 80 5.06 3.92 3.65
N CYS A 81 4.07 3.37 2.96
CA CYS A 81 3.99 3.59 1.53
C CYS A 81 2.65 4.21 1.10
N CYS A 82 2.72 5.16 0.17
CA CYS A 82 1.55 5.75 -0.45
C CYS A 82 0.85 4.82 -1.47
N VAL A 83 -0.41 4.44 -1.21
CA VAL A 83 -1.13 3.46 -2.04
C VAL A 83 -2.63 3.78 -2.13
N PRO A 84 -3.33 3.22 -3.14
CA PRO A 84 -4.77 3.40 -3.20
C PRO A 84 -5.49 2.80 -2.02
N THR A 85 -6.45 3.53 -1.49
CA THR A 85 -7.20 3.08 -0.33
C THR A 85 -8.69 3.04 -0.62
N ARG A 86 -9.08 3.63 -1.75
CA ARG A 86 -10.44 3.60 -2.24
C ARG A 86 -10.40 3.60 -3.77
N LEU A 87 -11.12 2.68 -4.38
CA LEU A 87 -11.19 2.67 -5.83
C LEU A 87 -12.60 2.45 -6.32
N SER A 88 -12.77 2.64 -7.64
CA SER A 88 -14.02 2.43 -8.31
C SER A 88 -13.83 1.59 -9.60
N PRO A 89 -14.92 0.95 -10.07
CA PRO A 89 -15.03 0.03 -11.23
C PRO A 89 -14.88 0.68 -12.62
N ILE A 90 -14.60 -0.15 -13.62
CA ILE A 90 -14.72 0.23 -15.03
C ILE A 90 -15.27 -1.01 -15.74
N SER A 91 -16.18 -0.85 -16.71
CA SER A 91 -16.73 -2.02 -17.41
C SER A 91 -16.08 -2.08 -18.76
N ILE A 92 -15.69 -3.26 -19.20
CA ILE A 92 -14.90 -3.37 -20.41
C ILE A 92 -15.62 -4.35 -21.32
N LEU A 93 -15.78 -4.00 -22.59
CA LEU A 93 -16.33 -4.94 -23.55
C LEU A 93 -15.19 -5.50 -24.39
N PHE A 94 -15.07 -6.81 -24.41
CA PHE A 94 -13.92 -7.40 -25.04
C PHE A 94 -14.32 -8.65 -25.80
N ILE A 95 -13.35 -9.31 -26.43
CA ILE A 95 -13.60 -10.54 -27.19
C ILE A 95 -12.92 -11.77 -26.54
N ASP A 96 -11.67 -12.07 -26.92
CA ASP A 96 -10.82 -13.08 -26.24
C ASP A 96 -11.37 -14.51 -26.08
N SER A 97 -12.61 -14.76 -26.50
CA SER A 97 -13.27 -16.01 -26.12
C SER A 97 -13.41 -17.01 -27.26
N ALA A 98 -12.35 -17.18 -28.03
CA ALA A 98 -12.50 -17.65 -29.40
C ALA A 98 -13.47 -16.67 -30.08
N ASN A 99 -13.28 -15.38 -29.77
CA ASN A 99 -14.12 -14.27 -30.29
C ASN A 99 -15.66 -14.30 -30.06
N ASN A 100 -16.10 -14.92 -28.96
CA ASN A 100 -17.43 -14.63 -28.37
C ASN A 100 -17.41 -13.37 -27.48
N VAL A 101 -18.16 -12.35 -27.90
CA VAL A 101 -18.26 -11.05 -27.20
C VAL A 101 -18.66 -11.15 -25.72
N VAL A 102 -18.02 -10.37 -24.86
CA VAL A 102 -18.36 -10.38 -23.44
C VAL A 102 -18.20 -9.05 -22.66
N TYR A 103 -19.16 -8.79 -21.77
CA TYR A 103 -19.22 -7.57 -20.98
C TYR A 103 -18.88 -7.89 -19.53
N LYS A 104 -17.90 -7.20 -18.98
CA LYS A 104 -17.46 -7.51 -17.64
C LYS A 104 -17.19 -6.23 -16.87
N GLN A 105 -17.70 -6.14 -15.66
CA GLN A 105 -17.32 -5.06 -14.76
C GLN A 105 -16.13 -5.50 -13.93
N TYR A 106 -15.04 -4.72 -14.01
CA TYR A 106 -13.84 -4.89 -13.21
C TYR A 106 -13.75 -3.92 -12.06
N GLU A 107 -13.77 -4.42 -10.83
CA GLU A 107 -13.60 -3.60 -9.63
C GLU A 107 -12.19 -3.04 -9.52
N ASP A 108 -12.05 -1.94 -8.79
CA ASP A 108 -10.75 -1.44 -8.39
C ASP A 108 -9.87 -1.05 -9.56
N MET A 109 -10.46 -0.31 -10.49
CA MET A 109 -9.77 0.10 -11.71
C MET A 109 -9.26 1.53 -11.64
N VAL A 110 -9.95 2.39 -10.87
CA VAL A 110 -9.68 3.82 -10.87
C VAL A 110 -9.43 4.18 -9.41
N VAL A 111 -8.27 4.77 -9.13
CA VAL A 111 -8.01 5.28 -7.81
C VAL A 111 -8.91 6.48 -7.51
N GLU A 112 -9.65 6.42 -6.40
CA GLU A 112 -10.46 7.57 -5.92
C GLU A 112 -9.72 8.27 -4.78
N SER A 113 -8.97 7.52 -3.95
CA SER A 113 -8.16 8.12 -2.87
C SER A 113 -6.88 7.35 -2.57
N CYS A 114 -5.86 8.09 -2.12
CA CYS A 114 -4.60 7.54 -1.62
C CYS A 114 -4.38 7.75 -0.12
N GLY A 115 -3.57 6.88 0.49
CA GLY A 115 -3.21 7.00 1.90
C GLY A 115 -1.97 6.19 2.22
N CYS A 116 -1.48 6.30 3.43
CA CYS A 116 -0.21 5.67 3.75
C CYS A 116 -0.49 4.44 4.55
N ARG A 117 0.17 3.33 4.20
CA ARG A 117 -0.12 2.02 4.78
C ARG A 117 1.18 1.28 5.04
N ASP B 37 -13.74 9.12 22.12
CA ASP B 37 -14.89 9.08 21.16
C ASP B 37 -14.57 9.87 19.90
N THR B 38 -15.17 9.44 18.80
CA THR B 38 -15.04 10.11 17.51
C THR B 38 -15.87 11.39 17.44
N LEU B 39 -15.40 12.36 16.66
CA LEU B 39 -16.14 13.60 16.52
C LEU B 39 -16.88 13.69 15.17
N PRO B 40 -18.23 13.61 15.21
CA PRO B 40 -18.95 13.64 13.96
C PRO B 40 -18.28 14.62 12.97
N PHE B 41 -17.90 15.80 13.46
CA PHE B 41 -17.42 16.89 12.61
C PHE B 41 -16.42 17.75 13.38
N LEU B 42 -15.24 17.98 12.77
CA LEU B 42 -14.24 18.93 13.28
C LEU B 42 -13.59 19.72 12.14
N LYS B 43 -13.53 21.03 12.29
CA LYS B 43 -12.95 21.93 11.30
C LYS B 43 -11.61 22.48 11.84
N CYS B 44 -10.57 22.36 11.05
CA CYS B 44 -9.22 22.74 11.46
C CYS B 44 -8.59 23.62 10.39
N TYR B 45 -7.65 24.46 10.78
CA TYR B 45 -6.73 25.10 9.83
C TYR B 45 -5.68 24.07 9.29
N CYS B 46 -5.18 24.29 8.08
CA CYS B 46 -4.07 23.46 7.56
C CYS B 46 -3.01 24.23 6.77
N SER B 47 -1.78 23.75 6.82
CA SER B 47 -0.66 24.37 6.09
C SER B 47 0.48 23.35 5.94
N GLY B 48 0.79 22.99 4.71
CA GLY B 48 1.71 21.88 4.48
C GLY B 48 0.98 20.55 4.38
N HIS B 49 -0.10 20.40 5.15
CA HIS B 49 -0.80 19.10 5.30
C HIS B 49 -2.26 19.11 4.86
N CYS B 50 -2.62 20.11 4.06
CA CYS B 50 -3.98 20.31 3.57
C CYS B 50 -4.34 19.16 2.63
N PRO B 51 -5.56 18.60 2.74
CA PRO B 51 -6.08 17.73 1.68
C PRO B 51 -6.20 18.45 0.32
N ASP B 52 -6.28 17.70 -0.78
CA ASP B 52 -6.45 18.28 -2.11
C ASP B 52 -7.70 19.17 -2.18
N ASP B 53 -8.68 18.90 -1.33
CA ASP B 53 -9.99 19.57 -1.41
C ASP B 53 -10.19 20.74 -0.40
N ALA B 54 -9.15 21.01 0.41
CA ALA B 54 -9.10 22.19 1.29
C ALA B 54 -9.66 23.50 0.70
N ILE B 55 -10.49 24.17 1.49
CA ILE B 55 -11.00 25.50 1.16
C ILE B 55 -10.65 26.46 2.28
N ASN B 56 -10.33 27.72 1.93
CA ASN B 56 -9.90 28.69 2.94
C ASN B 56 -8.80 28.12 3.82
N ASN B 57 -7.99 27.24 3.24
CA ASN B 57 -6.92 26.61 4.00
C ASN B 57 -7.45 25.90 5.25
N THR B 58 -8.59 25.22 5.10
CA THR B 58 -9.15 24.39 6.19
C THR B 58 -9.56 22.97 5.75
N CYS B 59 -9.66 22.07 6.71
CA CYS B 59 -9.89 20.66 6.43
C CYS B 59 -10.85 20.14 7.47
N ILE B 60 -11.58 19.08 7.11
CA ILE B 60 -12.56 18.48 8.00
C ILE B 60 -12.13 17.06 8.40
N THR B 61 -12.62 16.63 9.56
CA THR B 61 -12.11 15.42 10.16
C THR B 61 -12.93 14.99 11.36
N ASN B 62 -12.57 13.85 11.93
CA ASN B 62 -13.30 13.31 13.06
C ASN B 62 -12.42 13.18 14.28
N GLY B 63 -11.15 13.56 14.16
CA GLY B 63 -10.19 13.38 15.24
C GLY B 63 -9.71 14.65 15.93
N HIS B 64 -8.56 15.15 15.50
CA HIS B 64 -8.01 16.39 16.04
C HIS B 64 -7.48 17.31 14.94
N CYS B 65 -7.44 18.61 15.24
CA CYS B 65 -6.49 19.56 14.64
C CYS B 65 -5.10 19.46 15.30
N PHE B 66 -4.03 19.60 14.52
CA PHE B 66 -2.70 19.70 15.10
C PHE B 66 -1.91 20.90 14.62
N ALA B 67 -0.92 21.33 15.40
CA ALA B 67 0.13 22.21 14.92
C ALA B 67 1.46 21.61 15.29
N ILE B 68 2.43 21.72 14.39
CA ILE B 68 3.76 21.13 14.59
C ILE B 68 4.83 22.09 14.16
N ILE B 69 5.87 22.19 14.97
CA ILE B 69 7.08 22.90 14.60
C ILE B 69 8.13 21.81 14.46
N GLU B 70 8.87 21.80 13.36
CA GLU B 70 9.99 20.87 13.23
C GLU B 70 11.27 21.50 12.67
N GLU B 71 12.40 21.04 13.18
CA GLU B 71 13.67 21.67 12.92
C GLU B 71 14.44 21.02 11.77
N ASP B 72 14.90 21.87 10.84
CA ASP B 72 15.52 21.44 9.59
C ASP B 72 17.01 21.19 9.80
N ASP B 73 17.73 20.99 8.70
CA ASP B 73 19.15 20.65 8.74
C ASP B 73 20.08 21.75 9.22
N GLN B 74 19.97 22.95 8.65
CA GLN B 74 20.72 24.12 9.14
C GLN B 74 20.13 24.66 10.44
N GLY B 75 19.19 23.90 11.01
CA GLY B 75 18.51 24.32 12.23
C GLY B 75 17.35 25.25 11.94
N GLU B 76 17.01 25.37 10.65
CA GLU B 76 15.84 26.12 10.24
C GLU B 76 14.60 25.34 10.61
N THR B 77 13.52 26.04 10.98
CA THR B 77 12.31 25.38 11.44
C THR B 77 11.12 25.76 10.58
N THR B 78 10.23 24.80 10.36
CA THR B 78 8.92 25.13 9.85
C THR B 78 7.85 24.78 10.86
N LEU B 79 6.82 25.61 10.90
CA LEU B 79 5.53 25.24 11.48
C LEU B 79 4.61 24.75 10.36
N ALA B 80 3.85 23.68 10.63
CA ALA B 80 2.80 23.20 9.73
C ALA B 80 1.62 22.76 10.58
N SER B 81 0.46 22.57 9.96
CA SER B 81 -0.76 22.25 10.68
C SER B 81 -1.76 21.58 9.76
N GLY B 82 -2.61 20.72 10.31
CA GLY B 82 -3.77 20.23 9.58
C GLY B 82 -4.73 19.41 10.42
N CYS B 83 -5.31 18.38 9.81
CA CYS B 83 -6.36 17.60 10.41
C CYS B 83 -5.78 16.24 10.70
N MET B 84 -6.22 15.64 11.79
CA MET B 84 -5.77 14.32 12.12
C MET B 84 -6.92 13.36 12.33
N LYS B 85 -6.90 12.24 11.62
CA LYS B 85 -7.98 11.27 11.71
C LYS B 85 -8.00 10.70 13.14
N TYR B 86 -9.18 10.40 13.71
CA TYR B 86 -9.24 9.91 15.09
C TYR B 86 -8.35 8.68 15.40
N GLU B 87 -8.47 7.68 14.53
CA GLU B 87 -7.76 6.41 14.61
C GLU B 87 -6.30 6.71 14.33
N GLY B 88 -5.44 6.34 15.29
CA GLY B 88 -4.01 6.64 15.20
C GLY B 88 -3.60 7.91 15.95
N SER B 89 -4.56 8.77 16.29
CA SER B 89 -4.26 10.05 16.91
C SER B 89 -3.71 9.96 18.33
N ASP B 90 -4.11 8.94 19.10
CA ASP B 90 -3.45 8.85 20.37
C ASP B 90 -1.97 8.56 20.25
N PHE B 91 -1.56 7.77 19.26
CA PHE B 91 -0.14 7.62 18.97
C PHE B 91 0.55 8.89 18.36
N GLN B 92 -0.09 9.55 17.40
CA GLN B 92 0.56 10.69 16.73
C GLN B 92 0.67 11.94 17.60
N CYS B 93 -0.32 12.16 18.45
CA CYS B 93 -0.40 13.35 19.28
C CYS B 93 0.55 13.34 20.47
N LYS B 94 0.84 12.17 21.03
CA LYS B 94 1.90 12.09 22.03
C LYS B 94 3.17 12.18 21.22
N ASP B 95 4.27 12.64 21.78
CA ASP B 95 5.45 12.52 20.94
C ASP B 95 6.60 11.69 21.42
N SER B 96 7.09 10.83 20.52
CA SER B 96 8.35 10.13 20.72
C SER B 96 9.46 11.12 20.98
N PRO B 97 10.00 11.12 22.21
CA PRO B 97 11.24 11.82 22.57
C PRO B 97 12.43 11.36 21.72
N LYS B 98 12.27 10.26 21.00
CA LYS B 98 13.40 9.71 20.25
C LYS B 98 13.43 10.03 18.74
N ALA B 99 12.53 10.88 18.24
CA ALA B 99 12.62 11.37 16.84
C ALA B 99 14.04 11.84 16.44
N GLN B 100 14.48 11.53 15.22
CA GLN B 100 15.83 11.92 14.81
C GLN B 100 15.94 13.44 14.61
N LEU B 101 14.82 14.09 14.26
CA LEU B 101 14.77 15.55 14.22
C LEU B 101 13.91 16.06 15.37
N ARG B 102 14.46 16.97 16.18
CA ARG B 102 13.66 17.61 17.23
C ARG B 102 12.34 18.24 16.69
N ARG B 103 11.23 18.00 17.39
CA ARG B 103 9.92 18.55 16.99
C ARG B 103 8.90 18.55 18.15
N THR B 104 7.83 19.32 17.99
CA THR B 104 6.71 19.29 18.93
C THR B 104 5.38 19.40 18.22
N ILE B 105 4.55 18.40 18.45
CA ILE B 105 3.20 18.47 17.97
C ILE B 105 2.26 18.73 19.15
N GLU B 106 1.19 19.49 18.87
CA GLU B 106 0.05 19.66 19.80
C GLU B 106 -1.29 19.41 19.10
N CYS B 107 -2.16 18.64 19.78
CA CYS B 107 -3.54 18.37 19.32
C CYS B 107 -4.63 19.05 20.17
N CYS B 108 -5.70 19.53 19.54
CA CYS B 108 -6.91 19.93 20.27
C CYS B 108 -8.20 19.53 19.51
N ARG B 109 -9.35 19.70 20.17
CA ARG B 109 -10.60 19.06 19.75
C ARG B 109 -11.80 20.02 19.63
N THR B 110 -11.56 21.20 19.05
CA THR B 110 -12.62 22.19 18.83
C THR B 110 -12.29 22.95 17.56
N ASN B 111 -13.33 23.45 16.87
CA ASN B 111 -13.19 23.99 15.52
C ASN B 111 -12.14 25.11 15.45
N LEU B 112 -11.20 24.97 14.52
CA LEU B 112 -10.22 26.01 14.24
C LEU B 112 -9.23 26.24 15.39
N CYS B 113 -9.23 25.33 16.36
CA CYS B 113 -8.34 25.40 17.51
C CYS B 113 -6.84 25.43 17.20
N ASN B 114 -6.45 25.05 15.98
CA ASN B 114 -5.02 25.00 15.62
C ASN B 114 -4.46 26.25 14.95
N GLN B 115 -5.36 27.11 14.49
CA GLN B 115 -5.00 28.41 13.96
C GLN B 115 -4.38 29.12 15.17
N TYR B 116 -3.28 29.83 14.98
CA TYR B 116 -2.77 30.54 16.13
C TYR B 116 -2.06 29.64 17.14
N LEU B 117 -1.59 28.48 16.71
CA LEU B 117 -0.94 27.53 17.62
C LEU B 117 0.58 27.56 17.48
N GLN B 118 1.25 27.68 18.62
CA GLN B 118 2.68 27.88 18.64
C GLN B 118 3.35 26.91 19.62
N PRO B 119 3.55 25.66 19.19
CA PRO B 119 4.32 24.77 20.03
C PRO B 119 5.78 25.14 19.88
N THR B 120 6.54 25.02 20.96
CA THR B 120 7.98 25.24 20.88
C THR B 120 8.76 23.96 21.15
N LEU B 121 9.99 23.92 20.68
CA LEU B 121 10.80 22.71 20.74
C LEU B 121 11.19 22.37 22.17
N PRO B 122 11.42 21.07 22.43
CA PRO B 122 11.83 20.55 23.72
C PRO B 122 13.30 20.89 24.03
N PRO B 123 13.57 21.33 25.26
CA PRO B 123 14.52 22.40 25.62
C PRO B 123 16.04 22.19 25.34
N VAL B 124 16.38 21.52 24.24
CA VAL B 124 17.78 21.48 23.73
C VAL B 124 18.55 20.23 24.14
N LEU C 12 18.27 -15.38 -7.17
CA LEU C 12 17.02 -15.24 -6.35
C LEU C 12 16.44 -13.83 -6.54
N LYS C 13 15.38 -13.52 -5.80
CA LYS C 13 14.73 -12.20 -5.88
C LYS C 13 13.99 -11.87 -4.56
N ALA C 14 14.14 -10.63 -4.08
CA ALA C 14 13.53 -10.22 -2.81
C ALA C 14 12.12 -9.69 -3.07
N ARG C 15 11.14 -10.58 -3.03
CA ARG C 15 9.78 -10.24 -3.42
C ARG C 15 8.99 -9.77 -2.20
N CYS C 16 7.96 -8.96 -2.45
CA CYS C 16 7.02 -8.48 -1.41
C CYS C 16 6.63 -9.55 -0.39
N SER C 17 6.91 -9.28 0.88
CA SER C 17 6.79 -10.27 1.93
C SER C 17 6.95 -9.64 3.32
N ARG C 18 6.62 -10.41 4.33
CA ARG C 18 6.44 -9.87 5.66
C ARG C 18 7.72 -10.11 6.42
N LYS C 19 8.26 -9.04 7.02
CA LYS C 19 9.52 -9.10 7.73
C LYS C 19 9.25 -8.73 9.18
N ALA C 20 10.19 -9.08 10.08
CA ALA C 20 10.09 -8.75 11.50
C ALA C 20 10.12 -7.24 11.65
N LEU C 21 9.39 -6.74 12.64
CA LEU C 21 9.54 -5.37 13.10
C LEU C 21 9.10 -5.35 14.55
N HIS C 22 10.06 -5.14 15.43
CA HIS C 22 9.83 -5.17 16.85
C HIS C 22 9.51 -3.79 17.40
N VAL C 23 8.36 -3.65 18.06
CA VAL C 23 7.95 -2.37 18.64
C VAL C 23 8.20 -2.40 20.13
N ASN C 24 8.96 -1.42 20.62
CA ASN C 24 9.28 -1.29 22.05
C ASN C 24 8.66 0.01 22.50
N PHE C 25 7.64 -0.07 23.34
CA PHE C 25 6.88 1.09 23.78
C PHE C 25 7.70 2.05 24.65
N LYS C 26 8.71 1.56 25.36
CA LYS C 26 9.62 2.47 26.05
C LYS C 26 10.38 3.34 25.06
N ASP C 27 10.83 2.78 23.94
CA ASP C 27 11.62 3.51 22.95
C ASP C 27 10.88 4.70 22.39
N MET C 28 9.60 4.54 22.09
CA MET C 28 8.81 5.70 21.68
C MET C 28 8.20 6.55 22.80
N GLY C 29 8.63 6.34 24.05
CA GLY C 29 8.24 7.22 25.14
C GLY C 29 6.81 7.08 25.67
N TRP C 30 6.16 5.95 25.39
CA TRP C 30 4.79 5.66 25.88
C TRP C 30 4.65 4.84 27.18
N ASP C 31 5.74 4.60 27.90
CA ASP C 31 5.60 3.84 29.14
C ASP C 31 5.03 4.65 30.31
N ASP C 32 4.72 5.92 30.09
CA ASP C 32 3.95 6.64 31.10
C ASP C 32 2.46 6.29 31.05
N TRP C 33 1.98 5.84 29.88
CA TRP C 33 0.57 5.51 29.74
C TRP C 33 0.25 4.05 29.34
N ILE C 34 1.11 3.40 28.55
CA ILE C 34 0.94 1.97 28.31
C ILE C 34 1.55 1.15 29.44
N ILE C 35 0.75 0.28 30.03
CA ILE C 35 1.23 -0.67 31.03
C ILE C 35 1.53 -2.03 30.44
N ALA C 36 0.65 -2.54 29.59
CA ALA C 36 0.91 -3.81 28.93
C ALA C 36 0.34 -3.79 27.49
N PRO C 37 1.02 -4.47 26.56
CA PRO C 37 2.36 -5.01 26.78
C PRO C 37 3.32 -3.86 26.64
N LEU C 38 4.56 -4.06 27.04
CA LEU C 38 5.59 -3.04 26.87
C LEU C 38 6.27 -3.13 25.49
N GLU C 39 6.18 -4.29 24.86
CA GLU C 39 6.70 -4.50 23.54
C GLU C 39 5.90 -5.60 22.84
N TYR C 40 5.92 -5.58 21.51
CA TYR C 40 5.29 -6.63 20.72
C TYR C 40 5.88 -6.69 19.30
N GLU C 41 5.55 -7.78 18.60
CA GLU C 41 5.95 -7.98 17.24
C GLU C 41 4.90 -7.42 16.27
N ALA C 42 5.26 -6.42 15.47
CA ALA C 42 4.25 -5.73 14.61
C ALA C 42 4.39 -6.12 13.12
N PHE C 43 5.59 -6.55 12.76
CA PHE C 43 5.99 -6.90 11.39
C PHE C 43 5.89 -5.69 10.45
N HIS C 44 6.43 -5.86 9.25
CA HIS C 44 6.34 -4.84 8.22
C HIS C 44 6.44 -5.48 6.85
N CYS C 45 6.04 -4.72 5.84
CA CYS C 45 5.95 -5.27 4.46
C CYS C 45 7.01 -4.65 3.56
N GLU C 46 7.80 -5.48 2.92
CA GLU C 46 8.86 -4.98 2.05
C GLU C 46 9.18 -5.96 0.92
N GLY C 47 9.49 -5.40 -0.24
CA GLY C 47 10.16 -6.07 -1.32
C GLY C 47 9.47 -5.67 -2.62
N LEU C 48 9.98 -6.20 -3.72
CA LEU C 48 9.53 -5.85 -5.06
C LEU C 48 8.13 -6.32 -5.38
N CYS C 49 7.45 -5.55 -6.22
CA CYS C 49 6.15 -5.90 -6.78
C CYS C 49 6.29 -5.93 -8.29
N GLU C 50 6.69 -7.08 -8.82
CA GLU C 50 7.01 -7.21 -10.23
C GLU C 50 6.03 -8.19 -10.90
N PHE C 51 5.79 -8.00 -12.21
CA PHE C 51 5.04 -8.97 -13.01
C PHE C 51 5.78 -10.31 -13.06
N PRO C 52 5.06 -11.43 -12.84
CA PRO C 52 3.67 -11.45 -12.39
C PRO C 52 3.50 -11.39 -10.88
N LEU C 53 2.35 -10.89 -10.44
CA LEU C 53 2.02 -10.76 -9.05
C LEU C 53 1.28 -12.01 -8.61
N ALA C 54 1.96 -12.89 -7.87
CA ALA C 54 1.40 -14.20 -7.56
C ALA C 54 0.25 -14.07 -6.53
N SER C 55 -0.46 -15.16 -6.29
CA SER C 55 -1.76 -15.12 -5.64
C SER C 55 -1.72 -14.51 -4.25
N HIS C 56 -0.72 -14.87 -3.45
CA HIS C 56 -0.69 -14.43 -2.07
C HIS C 56 -0.47 -12.94 -1.99
N LEU C 57 -0.15 -12.29 -3.11
CA LEU C 57 0.05 -10.86 -3.12
C LEU C 57 -1.25 -10.10 -3.37
N GLU C 58 -2.29 -10.86 -3.73
CA GLU C 58 -3.65 -10.36 -3.94
C GLU C 58 -3.79 -8.97 -4.56
N PRO C 59 -3.25 -8.79 -5.76
CA PRO C 59 -3.33 -7.43 -6.30
C PRO C 59 -4.76 -7.07 -6.66
N THR C 60 -5.08 -5.78 -6.58
CA THR C 60 -6.30 -5.26 -7.24
C THR C 60 -6.07 -5.23 -8.74
N ASN C 61 -7.16 -5.14 -9.49
CA ASN C 61 -7.08 -4.86 -10.88
C ASN C 61 -6.15 -3.69 -11.16
N HIS C 62 -6.34 -2.60 -10.41
CA HIS C 62 -5.55 -1.43 -10.64
C HIS C 62 -4.05 -1.68 -10.54
N ALA C 63 -3.64 -2.46 -9.54
CA ALA C 63 -2.25 -2.77 -9.31
C ALA C 63 -1.68 -3.64 -10.46
N VAL C 64 -2.48 -4.56 -10.95
CA VAL C 64 -2.08 -5.34 -12.11
C VAL C 64 -1.87 -4.43 -13.37
N ILE C 65 -2.80 -3.51 -13.62
CA ILE C 65 -2.64 -2.58 -14.73
C ILE C 65 -1.42 -1.67 -14.61
N GLN C 66 -1.30 -0.99 -13.46
CA GLN C 66 -0.10 -0.26 -13.13
C GLN C 66 1.17 -1.11 -13.29
N THR C 67 1.15 -2.32 -12.75
CA THR C 67 2.31 -3.20 -12.90
C THR C 67 2.68 -3.48 -14.35
N LEU C 68 1.69 -3.81 -15.15
CA LEU C 68 1.86 -3.95 -16.60
C LEU C 68 2.41 -2.68 -17.25
N MET C 69 1.86 -1.53 -16.89
CA MET C 69 2.36 -0.29 -17.46
C MET C 69 3.76 0.03 -17.00
N ASN C 70 4.07 -0.27 -15.74
CA ASN C 70 5.44 -0.12 -15.29
C ASN C 70 6.41 -1.01 -16.09
N SER C 71 5.94 -2.18 -16.55
CA SER C 71 6.86 -3.06 -17.24
C SER C 71 6.93 -2.75 -18.74
N MET C 72 5.96 -1.97 -19.22
CA MET C 72 6.00 -1.37 -20.57
C MET C 72 6.97 -0.22 -20.64
N ASP C 73 7.06 0.54 -19.55
CA ASP C 73 7.81 1.78 -19.56
C ASP C 73 8.04 2.25 -18.14
N PRO C 74 9.08 1.70 -17.49
CA PRO C 74 9.40 1.98 -16.09
C PRO C 74 9.71 3.45 -15.91
N GLU C 75 9.96 4.12 -17.02
CA GLU C 75 10.28 5.54 -16.99
C GLU C 75 9.02 6.36 -16.75
N SER C 76 7.89 5.87 -17.23
CA SER C 76 6.68 6.67 -17.22
C SER C 76 5.67 6.25 -16.13
N THR C 77 5.66 4.97 -15.76
CA THR C 77 4.79 4.48 -14.68
C THR C 77 5.59 3.80 -13.56
N PRO C 78 5.49 4.29 -12.32
CA PRO C 78 6.25 3.60 -11.27
C PRO C 78 5.64 2.28 -10.88
N PRO C 79 6.41 1.46 -10.14
CA PRO C 79 5.81 0.20 -9.65
C PRO C 79 4.78 0.43 -8.58
N THR C 80 3.97 -0.59 -8.30
CA THR C 80 3.12 -0.61 -7.15
C THR C 80 3.95 -0.82 -5.91
N CYS C 81 3.29 -0.96 -4.77
CA CYS C 81 4.01 -0.94 -3.52
C CYS C 81 3.57 -2.06 -2.60
N CYS C 82 4.54 -2.65 -1.92
CA CYS C 82 4.35 -3.77 -1.00
C CYS C 82 3.86 -3.20 0.30
N VAL C 83 2.67 -3.59 0.77
CA VAL C 83 2.07 -2.98 1.98
C VAL C 83 1.23 -3.99 2.69
N PRO C 84 0.94 -3.74 3.99
CA PRO C 84 0.09 -4.67 4.71
C PRO C 84 -1.23 -4.76 3.98
N THR C 85 -1.76 -5.97 3.78
CA THR C 85 -3.12 -6.13 3.24
C THR C 85 -4.09 -6.82 4.19
N ARG C 86 -3.57 -7.35 5.29
CA ARG C 86 -4.41 -7.89 6.35
C ARG C 86 -3.71 -7.63 7.66
N LEU C 87 -4.46 -7.16 8.65
CA LEU C 87 -3.88 -6.87 9.94
C LEU C 87 -4.74 -7.43 11.06
N SER C 88 -4.15 -7.60 12.24
CA SER C 88 -4.90 -8.00 13.41
C SER C 88 -4.68 -7.10 14.63
N PRO C 89 -5.60 -7.17 15.58
CA PRO C 89 -5.60 -6.25 16.68
C PRO C 89 -4.68 -6.75 17.80
N ILE C 90 -4.28 -5.87 18.71
CA ILE C 90 -3.80 -6.33 20.03
C ILE C 90 -4.56 -5.52 21.04
N SER C 91 -4.59 -6.01 22.28
CA SER C 91 -5.27 -5.30 23.36
C SER C 91 -4.22 -4.65 24.24
N ILE C 92 -4.45 -3.41 24.64
CA ILE C 92 -3.49 -2.66 25.43
C ILE C 92 -4.15 -2.23 26.73
N LEU C 93 -3.40 -2.36 27.81
CA LEU C 93 -3.80 -1.87 29.11
C LEU C 93 -3.06 -0.57 29.31
N PHE C 94 -3.80 0.49 29.62
CA PHE C 94 -3.20 1.80 29.64
C PHE C 94 -3.87 2.71 30.64
N ILE C 95 -3.21 3.83 30.90
CA ILE C 95 -3.72 4.86 31.77
C ILE C 95 -4.42 5.95 30.96
N ASP C 96 -5.74 6.03 31.11
CA ASP C 96 -6.59 6.96 30.38
C ASP C 96 -6.33 8.44 30.72
N SER C 97 -6.92 9.34 29.93
CA SER C 97 -6.80 10.78 30.14
C SER C 97 -7.10 11.24 31.58
N ALA C 98 -7.79 10.39 32.35
CA ALA C 98 -8.15 10.69 33.73
C ALA C 98 -7.40 9.81 34.74
N ASN C 99 -6.36 9.13 34.26
CA ASN C 99 -5.49 8.35 35.15
C ASN C 99 -6.13 7.12 35.83
N ASN C 100 -7.13 6.52 35.20
CA ASN C 100 -7.57 5.17 35.59
C ASN C 100 -7.16 4.09 34.59
N VAL C 101 -7.17 2.84 35.03
CA VAL C 101 -6.57 1.76 34.27
C VAL C 101 -7.62 1.07 33.38
N VAL C 102 -7.49 1.24 32.08
CA VAL C 102 -8.33 0.45 31.18
C VAL C 102 -7.65 -0.27 30.02
N TYR C 103 -8.52 -0.85 29.21
CA TYR C 103 -8.21 -2.01 28.45
C TYR C 103 -9.03 -1.85 27.20
N LYS C 104 -8.34 -1.76 26.07
CA LYS C 104 -8.96 -1.40 24.84
C LYS C 104 -8.34 -2.23 23.73
N GLN C 105 -9.15 -2.66 22.78
CA GLN C 105 -8.60 -3.31 21.66
C GLN C 105 -8.10 -2.24 20.66
N TYR C 106 -6.91 -2.46 20.12
CA TYR C 106 -6.39 -1.62 19.02
C TYR C 106 -6.35 -2.44 17.74
N GLU C 107 -7.06 -1.94 16.71
CA GLU C 107 -7.09 -2.54 15.40
C GLU C 107 -5.77 -2.31 14.67
N ASP C 108 -5.44 -3.22 13.75
CA ASP C 108 -4.45 -2.96 12.71
C ASP C 108 -3.08 -2.70 13.32
N MET C 109 -2.74 -3.48 14.34
CA MET C 109 -1.46 -3.37 15.00
C MET C 109 -0.40 -4.36 14.53
N VAL C 110 -0.84 -5.51 14.00
CA VAL C 110 0.09 -6.58 13.60
C VAL C 110 -0.16 -6.94 12.14
N VAL C 111 0.89 -6.90 11.34
CA VAL C 111 0.74 -7.23 9.95
C VAL C 111 0.59 -8.73 9.90
N GLU C 112 -0.47 -9.19 9.25
CA GLU C 112 -0.71 -10.59 8.97
C GLU C 112 -0.32 -11.00 7.55
N SER C 113 -0.59 -10.18 6.55
CA SER C 113 -0.10 -10.49 5.22
C SER C 113 0.20 -9.17 4.50
N CYS C 114 1.12 -9.27 3.53
CA CYS C 114 1.60 -8.20 2.70
C CYS C 114 1.13 -8.46 1.25
N GLY C 115 0.84 -7.39 0.50
CA GLY C 115 0.54 -7.55 -0.90
C GLY C 115 0.88 -6.31 -1.68
N CYS C 116 0.64 -6.36 -2.99
CA CYS C 116 1.05 -5.27 -3.86
C CYS C 116 -0.16 -4.45 -4.24
N ARG C 117 -0.12 -3.15 -3.94
CA ARG C 117 -1.28 -2.27 -4.12
C ARG C 117 -0.95 -1.00 -4.92
N ASP D 37 -15.78 -17.67 -12.88
CA ASP D 37 -15.96 -18.48 -11.64
C ASP D 37 -14.62 -18.71 -10.95
N THR D 38 -14.58 -18.46 -9.64
CA THR D 38 -13.45 -18.85 -8.79
C THR D 38 -13.46 -20.37 -8.52
N LEU D 39 -12.31 -20.92 -8.16
CA LEU D 39 -12.21 -22.35 -7.78
C LEU D 39 -12.01 -22.58 -6.26
N PRO D 40 -12.74 -23.58 -5.67
CA PRO D 40 -12.62 -23.73 -4.21
C PRO D 40 -11.19 -24.02 -3.75
N PHE D 41 -10.39 -24.60 -4.64
CA PHE D 41 -9.34 -25.51 -4.22
C PHE D 41 -8.50 -25.79 -5.45
N LEU D 42 -7.88 -24.77 -6.00
CA LEU D 42 -6.88 -25.03 -7.00
C LEU D 42 -5.52 -25.12 -6.31
N LYS D 43 -4.85 -26.25 -6.51
CA LYS D 43 -3.45 -26.40 -6.14
C LYS D 43 -2.51 -26.22 -7.36
N CYS D 44 -1.43 -25.48 -7.17
CA CYS D 44 -0.44 -25.29 -8.20
C CYS D 44 0.98 -25.54 -7.71
N TYR D 45 1.87 -25.83 -8.65
CA TYR D 45 3.28 -25.87 -8.34
C TYR D 45 3.75 -24.43 -8.24
N CYS D 46 4.78 -24.18 -7.43
CA CYS D 46 5.38 -22.84 -7.46
C CYS D 46 6.88 -22.94 -7.42
N SER D 47 7.53 -22.05 -8.17
CA SER D 47 8.98 -21.99 -8.18
C SER D 47 9.32 -20.52 -8.45
N GLY D 48 10.01 -19.86 -7.52
CA GLY D 48 10.29 -18.43 -7.64
C GLY D 48 9.16 -17.54 -7.17
N HIS D 49 7.97 -18.12 -7.03
CA HIS D 49 6.75 -17.33 -6.71
C HIS D 49 5.94 -17.90 -5.54
N CYS D 50 6.54 -18.82 -4.77
CA CYS D 50 5.86 -19.50 -3.69
C CYS D 50 5.51 -18.49 -2.59
N PRO D 51 4.33 -18.64 -1.95
CA PRO D 51 4.09 -17.95 -0.68
C PRO D 51 4.92 -18.55 0.45
N ASP D 52 4.98 -17.85 1.59
CA ASP D 52 5.77 -18.24 2.73
C ASP D 52 5.30 -19.61 3.24
N ASP D 53 4.03 -19.92 3.00
CA ASP D 53 3.43 -21.14 3.52
C ASP D 53 3.33 -22.24 2.44
N ALA D 54 4.17 -22.21 1.41
CA ALA D 54 4.25 -23.33 0.44
C ALA D 54 4.57 -24.67 1.10
N ILE D 55 3.78 -25.70 0.77
CA ILE D 55 4.07 -27.08 1.20
C ILE D 55 4.70 -27.78 0.01
N ASN D 56 5.96 -28.18 0.13
CA ASN D 56 6.67 -28.89 -0.95
C ASN D 56 6.50 -28.25 -2.32
N ASN D 57 6.81 -26.96 -2.42
CA ASN D 57 6.61 -26.23 -3.67
C ASN D 57 5.20 -26.30 -4.25
N THR D 58 4.17 -26.38 -3.43
CA THR D 58 2.81 -26.20 -3.93
C THR D 58 2.16 -25.04 -3.20
N CYS D 59 1.25 -24.34 -3.89
CA CYS D 59 0.42 -23.31 -3.29
C CYS D 59 -1.05 -23.56 -3.62
N ILE D 60 -1.95 -22.95 -2.85
CA ILE D 60 -3.36 -22.97 -3.24
C ILE D 60 -3.92 -21.60 -3.55
N THR D 61 -4.91 -21.57 -4.44
CA THR D 61 -5.51 -20.33 -4.85
C THR D 61 -6.89 -20.58 -5.34
N ASN D 62 -7.59 -19.49 -5.68
CA ASN D 62 -8.92 -19.60 -6.24
C ASN D 62 -8.96 -19.23 -7.74
N GLY D 63 -7.80 -18.95 -8.36
CA GLY D 63 -7.78 -18.48 -9.76
C GLY D 63 -7.15 -19.43 -10.76
N HIS D 64 -5.85 -19.27 -11.05
CA HIS D 64 -5.12 -20.04 -12.08
C HIS D 64 -3.76 -20.46 -11.54
N CYS D 65 -3.16 -21.44 -12.15
CA CYS D 65 -1.71 -21.73 -12.02
C CYS D 65 -0.99 -21.11 -13.23
N PHE D 66 0.28 -20.76 -13.12
CA PHE D 66 0.94 -20.16 -14.28
C PHE D 66 2.35 -20.66 -14.40
N ALA D 67 2.88 -20.63 -15.61
CA ALA D 67 4.30 -20.82 -15.79
C ALA D 67 4.73 -19.65 -16.57
N ILE D 68 5.88 -19.08 -16.26
CA ILE D 68 6.39 -18.04 -17.12
C ILE D 68 7.79 -18.38 -17.50
N ILE D 69 8.14 -18.01 -18.73
CA ILE D 69 9.51 -17.94 -19.16
C ILE D 69 9.80 -16.47 -19.52
N GLU D 70 10.84 -15.90 -18.91
CA GLU D 70 11.34 -14.55 -19.25
C GLU D 70 12.83 -14.55 -19.59
N GLU D 71 13.20 -13.59 -20.42
CA GLU D 71 14.57 -13.21 -20.61
C GLU D 71 14.77 -11.80 -20.10
N ASP D 72 15.80 -11.60 -19.29
CA ASP D 72 16.08 -10.29 -18.68
C ASP D 72 17.08 -9.44 -19.50
N ASP D 73 17.54 -8.32 -18.94
CA ASP D 73 18.33 -7.32 -19.69
C ASP D 73 19.50 -7.93 -20.43
N GLN D 74 19.92 -9.12 -20.01
CA GLN D 74 21.18 -9.71 -20.48
C GLN D 74 20.96 -10.76 -21.55
N GLY D 75 19.81 -11.40 -21.53
CA GLY D 75 19.58 -12.54 -22.42
C GLY D 75 19.68 -13.84 -21.65
N GLU D 76 19.38 -13.75 -20.36
CA GLU D 76 19.22 -14.92 -19.48
C GLU D 76 17.75 -15.37 -19.36
N THR D 77 17.40 -16.43 -20.10
CA THR D 77 16.11 -17.13 -19.97
C THR D 77 15.99 -17.81 -18.61
N THR D 78 14.93 -17.51 -17.87
CA THR D 78 14.61 -18.28 -16.65
C THR D 78 13.16 -18.73 -16.59
N LEU D 79 12.91 -19.73 -15.76
CA LEU D 79 11.61 -20.36 -15.72
C LEU D 79 11.08 -20.32 -14.30
N ALA D 80 9.82 -19.94 -14.17
CA ALA D 80 9.20 -19.81 -12.88
C ALA D 80 7.75 -20.21 -13.04
N SER D 81 7.07 -20.29 -11.90
CA SER D 81 5.70 -20.77 -11.91
C SER D 81 5.06 -20.41 -10.58
N GLY D 82 3.73 -20.34 -10.52
CA GLY D 82 3.08 -20.14 -9.21
C GLY D 82 1.56 -20.18 -9.32
N CYS D 83 0.91 -19.73 -8.24
CA CYS D 83 -0.51 -19.51 -8.16
C CYS D 83 -0.84 -18.04 -8.51
N MET D 84 -1.99 -17.85 -9.14
CA MET D 84 -2.49 -16.52 -9.50
C MET D 84 -3.98 -16.37 -9.09
N LYS D 85 -4.24 -15.35 -8.29
CA LYS D 85 -5.54 -15.10 -7.72
C LYS D 85 -6.51 -14.88 -8.90
N TYR D 86 -7.80 -15.16 -8.71
CA TYR D 86 -8.76 -14.89 -9.77
C TYR D 86 -8.82 -13.42 -10.14
N GLU D 87 -9.07 -12.59 -9.14
CA GLU D 87 -9.18 -11.15 -9.32
C GLU D 87 -7.85 -10.69 -9.93
N GLY D 88 -7.92 -10.03 -11.10
CA GLY D 88 -6.71 -9.59 -11.82
C GLY D 88 -6.17 -10.53 -12.90
N SER D 89 -6.73 -11.73 -12.98
CA SER D 89 -6.07 -12.80 -13.75
C SER D 89 -6.42 -12.70 -15.25
N ASP D 90 -7.57 -12.14 -15.57
CA ASP D 90 -7.83 -11.78 -16.96
C ASP D 90 -6.63 -11.03 -17.53
N PHE D 91 -6.24 -9.98 -16.84
CA PHE D 91 -5.17 -9.10 -17.29
C PHE D 91 -3.76 -9.73 -17.22
N GLN D 92 -3.46 -10.41 -16.14
CA GLN D 92 -2.17 -11.05 -15.98
C GLN D 92 -1.93 -12.19 -16.95
N CYS D 93 -2.91 -13.05 -17.14
CA CYS D 93 -2.72 -14.21 -18.05
C CYS D 93 -2.60 -13.75 -19.50
N LYS D 94 -3.31 -12.67 -19.83
CA LYS D 94 -3.20 -12.10 -21.15
C LYS D 94 -1.81 -11.51 -21.26
N ASP D 95 -1.41 -10.75 -20.24
CA ASP D 95 -0.16 -10.02 -20.30
C ASP D 95 -0.21 -8.95 -21.41
N SER D 96 0.75 -8.04 -21.41
CA SER D 96 0.89 -7.08 -22.49
C SER D 96 2.02 -7.45 -23.45
N PRO D 97 1.74 -7.44 -24.76
CA PRO D 97 2.84 -7.81 -25.69
C PRO D 97 3.87 -6.67 -25.84
N LYS D 98 3.60 -5.52 -25.20
CA LYS D 98 4.50 -4.36 -25.20
C LYS D 98 5.45 -4.28 -24.00
N ALA D 99 5.43 -5.28 -23.12
CA ALA D 99 6.48 -5.46 -22.09
C ALA D 99 7.94 -5.24 -22.59
N GLN D 100 8.71 -4.50 -21.79
CA GLN D 100 10.15 -4.26 -22.05
C GLN D 100 10.94 -5.56 -22.17
N LEU D 101 10.72 -6.48 -21.22
CA LEU D 101 11.42 -7.76 -21.26
C LEU D 101 10.61 -8.86 -21.99
N ARG D 102 11.30 -9.60 -22.87
CA ARG D 102 10.74 -10.74 -23.61
C ARG D 102 10.22 -11.76 -22.64
N ARG D 103 8.94 -12.05 -22.72
CA ARG D 103 8.40 -13.09 -21.86
C ARG D 103 7.09 -13.68 -22.34
N THR D 104 6.73 -14.81 -21.74
CA THR D 104 5.50 -15.47 -22.06
C THR D 104 4.98 -16.14 -20.79
N ILE D 105 3.86 -15.63 -20.30
CA ILE D 105 3.12 -16.32 -19.26
C ILE D 105 1.96 -17.15 -19.83
N GLU D 106 1.75 -18.30 -19.20
CA GLU D 106 0.65 -19.17 -19.57
C GLU D 106 -0.03 -19.64 -18.29
N CYS D 107 -1.35 -19.74 -18.37
CA CYS D 107 -2.22 -19.99 -17.23
C CYS D 107 -2.99 -21.28 -17.50
N CYS D 108 -3.33 -22.03 -16.46
CA CYS D 108 -4.19 -23.18 -16.67
C CYS D 108 -4.96 -23.38 -15.38
N ARG D 109 -5.94 -24.29 -15.35
CA ARG D 109 -6.86 -24.34 -14.22
C ARG D 109 -7.12 -25.71 -13.67
N THR D 110 -6.14 -26.58 -13.68
CA THR D 110 -6.32 -27.88 -13.02
C THR D 110 -5.16 -28.19 -12.10
N ASN D 111 -5.42 -28.94 -11.03
CA ASN D 111 -4.40 -29.14 -10.00
C ASN D 111 -3.01 -29.44 -10.56
N LEU D 112 -2.02 -28.64 -10.19
CA LEU D 112 -0.63 -28.93 -10.55
C LEU D 112 -0.40 -28.84 -12.07
N CYS D 113 -1.26 -28.15 -12.78
CA CYS D 113 -1.21 -28.22 -14.28
C CYS D 113 -0.01 -27.44 -14.79
N ASN D 114 0.50 -26.52 -13.98
CA ASN D 114 1.61 -25.66 -14.41
C ASN D 114 2.95 -26.42 -14.44
N GLN D 115 2.99 -27.60 -13.81
CA GLN D 115 4.17 -28.41 -13.82
C GLN D 115 4.48 -28.86 -15.24
N TYR D 116 3.45 -28.96 -16.09
CA TYR D 116 3.58 -29.59 -17.40
C TYR D 116 3.50 -28.61 -18.55
N LEU D 117 3.28 -27.34 -18.22
CA LEU D 117 3.19 -26.31 -19.27
C LEU D 117 4.59 -26.06 -19.77
N GLN D 118 4.74 -25.64 -21.01
CA GLN D 118 6.05 -25.23 -21.47
C GLN D 118 6.02 -24.06 -22.42
N PRO D 119 5.77 -22.85 -21.91
CA PRO D 119 5.63 -21.67 -22.75
C PRO D 119 6.95 -21.34 -23.43
N THR D 120 6.92 -20.71 -24.61
CA THR D 120 8.17 -20.35 -25.27
C THR D 120 8.19 -18.83 -25.44
N LEU D 121 9.37 -18.21 -25.34
CA LEU D 121 9.53 -16.78 -25.57
C LEU D 121 8.82 -16.33 -26.86
N PRO D 122 8.33 -15.08 -26.89
CA PRO D 122 7.79 -14.48 -28.11
C PRO D 122 8.88 -14.23 -29.15
N PRO D 123 8.47 -14.12 -30.42
CA PRO D 123 9.37 -13.74 -31.53
C PRO D 123 10.32 -12.63 -31.11
N VAL D 124 11.59 -12.80 -31.46
CA VAL D 124 12.63 -11.83 -31.12
C VAL D 124 12.33 -10.44 -31.71
N VAL D 125 12.30 -10.36 -33.05
CA VAL D 125 12.01 -9.11 -33.76
C VAL D 125 10.49 -8.92 -33.99
#